data_9E7G
#
_entry.id   9E7G
#
_cell.length_a   90.785
_cell.length_b   106.630
_cell.length_c   187.331
_cell.angle_alpha   90.000
_cell.angle_beta   90.000
_cell.angle_gamma   90.000
#
_symmetry.space_group_name_H-M   'I 2 2 2'
#
loop_
_entity.id
_entity.type
_entity.pdbx_description
1 polymer 'BL3-6 Fab heavy chain'
2 polymer 'BL3-6 Fab light chain'
3 polymer 'Rev Response Element SLII'
#
loop_
_entity_poly.entity_id
_entity_poly.type
_entity_poly.pdbx_seq_one_letter_code
_entity_poly.pdbx_strand_id
1 'polypeptide(L)'
;EISEVQLVESGGGLVQPGGSLRLSCAASGFYISYSSIHWVRQAPGKGLEWVASISPYSGSTYYADSVKGRFTISADTSKN
TAYLQMNSLRAEDTAVYYCARQGYRRRSGRGFDYWGQGTLVTVSSASTKGPSVFPLAPSSKSTSGGTAALGCLVKDYFPE
PVTVSWNSGALTSGVHTFPAVLQSSGLYSLSSVVTVPSSSLGTQTYICNVNHKPSNTKVDKKVEPKSCDKTHT
;
H
2 'polypeptide(L)'
;SDIQMTQSPSSLSASVGDRVTITCRASQSVSSAVAWYQQKPGKAPKLLIYSASSLYSGVPSRFSGSRSGTDFTLTISSLQ
PEDFATYYCQQSYSFPSTFGQGTKVEIKRTVAAPSVFIFPPSDEQLKSGTASVVCLLNNFYPREAKVQWKVDNALQSGNS
QESVTEQDSKDSTYSLSSTLTLSKADYEKHKVYACEVTHQGLSSPVTKSFNRGEC
;
L
3 'polyribonucleotide' GGCACUAUGGGCGCAGCGUCAAUGACGCUGACGCUACAGGCCAGACAAGAAACACUUGUCUGAUAUAGUGCC R
#
loop_
_chem_comp.id
_chem_comp.type
_chem_comp.name
_chem_comp.formula
A RNA linking ADENOSINE-5'-MONOPHOSPHATE 'C10 H14 N5 O7 P'
C RNA linking CYTIDINE-5'-MONOPHOSPHATE 'C9 H14 N3 O8 P'
G RNA linking GUANOSINE-5'-MONOPHOSPHATE 'C10 H14 N5 O8 P'
U RNA linking URIDINE-5'-MONOPHOSPHATE 'C9 H13 N2 O9 P'
#
# COMPACT_ATOMS: atom_id res chain seq x y z
N SER A 3 -25.48 5.44 -9.39
CA SER A 3 -24.06 5.75 -9.55
C SER A 3 -23.87 7.11 -10.25
N GLU A 4 -24.97 7.87 -10.42
CA GLU A 4 -24.80 9.28 -10.67
C GLU A 4 -24.34 10.00 -9.42
N VAL A 5 -24.48 9.36 -8.26
CA VAL A 5 -23.98 9.93 -7.01
C VAL A 5 -22.46 9.81 -6.97
N GLN A 6 -21.80 10.92 -6.72
CA GLN A 6 -20.35 10.86 -6.73
C GLN A 6 -19.79 11.94 -5.81
N LEU A 7 -18.69 11.61 -5.14
CA LEU A 7 -17.94 12.53 -4.32
C LEU A 7 -16.57 12.72 -4.99
N VAL A 8 -16.14 13.97 -5.13
CA VAL A 8 -14.86 14.21 -5.77
C VAL A 8 -14.01 15.12 -4.90
N GLU A 9 -12.85 14.61 -4.50
CA GLU A 9 -11.97 15.28 -3.57
C GLU A 9 -10.85 16.01 -4.30
N SER A 10 -10.28 17.01 -3.64
CA SER A 10 -9.13 17.72 -4.18
C SER A 10 -8.50 18.54 -3.05
N GLY A 11 -7.33 19.10 -3.35
CA GLY A 11 -6.72 20.06 -2.47
C GLY A 11 -5.64 19.54 -1.55
N GLY A 12 -5.22 18.28 -1.71
CA GLY A 12 -4.13 17.73 -0.93
C GLY A 12 -2.79 18.11 -1.50
N GLY A 13 -1.74 17.61 -0.88
CA GLY A 13 -0.40 17.93 -1.30
C GLY A 13 0.56 17.96 -0.13
N LEU A 14 1.73 18.55 -0.35
CA LEU A 14 2.86 18.43 0.56
C LEU A 14 3.07 19.72 1.32
N VAL A 15 3.30 19.61 2.62
CA VAL A 15 3.25 20.75 3.54
C VAL A 15 4.35 20.60 4.57
N GLN A 16 4.98 21.71 4.92
CA GLN A 16 5.85 21.75 6.08
C GLN A 16 5.04 21.48 7.34
N PRO A 17 5.63 20.81 8.32
CA PRO A 17 4.97 20.69 9.63
C PRO A 17 4.66 22.04 10.22
N GLY A 18 3.47 22.17 10.79
CA GLY A 18 2.92 23.43 11.22
C GLY A 18 2.20 24.20 10.14
N GLY A 19 2.26 23.75 8.89
CA GLY A 19 1.59 24.43 7.80
C GLY A 19 0.09 24.16 7.82
N SER A 20 -0.56 24.52 6.72
CA SER A 20 -1.97 24.25 6.61
C SER A 20 -2.31 23.83 5.19
N LEU A 21 -3.48 23.24 5.05
CA LEU A 21 -3.94 22.67 3.79
C LEU A 21 -5.45 22.53 3.90
N ARG A 22 -6.16 22.75 2.79
CA ARG A 22 -7.62 22.75 2.84
C ARG A 22 -8.22 21.79 1.80
N LEU A 23 -8.63 20.62 2.26
CA LEU A 23 -9.27 19.64 1.40
C LEU A 23 -10.71 20.07 1.10
N SER A 24 -11.20 19.65 -0.06
CA SER A 24 -12.58 19.93 -0.41
C SER A 24 -13.21 18.72 -1.06
N CYS A 25 -14.46 18.46 -0.72
CA CYS A 25 -15.22 17.32 -1.24
C CYS A 25 -16.40 17.84 -2.04
N ALA A 26 -16.47 17.47 -3.32
CA ALA A 26 -17.42 18.07 -4.26
C ALA A 26 -18.54 17.08 -4.55
N ALA A 27 -19.71 17.33 -3.98
CA ALA A 27 -20.86 16.44 -4.13
C ALA A 27 -21.54 16.68 -5.47
N SER A 28 -21.87 15.59 -6.17
CA SER A 28 -22.78 15.64 -7.30
C SER A 28 -23.59 14.35 -7.40
N GLY A 29 -24.88 14.49 -7.66
CA GLY A 29 -25.81 13.39 -7.54
C GLY A 29 -26.73 13.49 -6.33
N PHE A 30 -26.45 14.42 -5.42
CA PHE A 30 -27.26 14.60 -4.22
C PHE A 30 -26.93 15.96 -3.64
N TYR A 31 -27.84 16.51 -2.87
CA TYR A 31 -27.58 17.76 -2.18
C TYR A 31 -26.95 17.45 -0.84
N ILE A 32 -25.87 18.16 -0.54
CA ILE A 32 -25.08 17.77 0.60
C ILE A 32 -25.78 18.08 1.92
N SER A 33 -26.73 19.01 1.91
CA SER A 33 -27.36 19.55 3.11
C SER A 33 -28.29 18.57 3.80
N TYR A 34 -28.58 17.44 3.17
CA TYR A 34 -29.52 16.44 3.63
C TYR A 34 -28.82 15.24 4.24
N SER A 35 -27.51 15.34 4.46
CA SER A 35 -26.71 14.19 4.80
C SER A 35 -25.63 14.62 5.76
N SER A 36 -25.13 13.63 6.51
CA SER A 36 -23.93 13.81 7.29
C SER A 36 -22.75 13.55 6.37
N ILE A 37 -21.73 14.40 6.46
CA ILE A 37 -20.49 14.21 5.72
C ILE A 37 -19.38 13.89 6.70
N HIS A 38 -18.52 12.96 6.31
CA HIS A 38 -17.48 12.45 7.18
C HIS A 38 -16.16 12.54 6.47
N TRP A 39 -15.11 12.77 7.24
CA TRP A 39 -13.75 12.63 6.75
C TRP A 39 -13.06 11.47 7.46
N VAL A 40 -12.49 10.57 6.68
CA VAL A 40 -11.78 9.39 7.16
C VAL A 40 -10.42 9.34 6.47
N ARG A 41 -9.34 9.45 7.24
CA ARG A 41 -7.99 9.39 6.68
C ARG A 41 -7.40 8.01 6.88
N GLN A 42 -6.37 7.71 6.07
CA GLN A 42 -5.74 6.38 6.08
C GLN A 42 -4.24 6.53 5.91
N ALA A 43 -3.51 6.40 7.02
CA ALA A 43 -2.07 6.54 6.94
C ALA A 43 -1.52 5.48 6.00
N PRO A 44 -0.44 5.77 5.28
CA PRO A 44 0.11 4.76 4.37
C PRO A 44 0.55 3.53 5.15
N GLY A 45 0.07 2.38 4.70
CA GLY A 45 0.29 1.14 5.41
C GLY A 45 -0.64 0.84 6.57
N LYS A 46 -1.60 1.69 6.89
CA LYS A 46 -2.44 1.43 8.06
C LYS A 46 -3.90 1.36 7.66
N GLY A 47 -4.77 1.31 8.67
CA GLY A 47 -6.20 1.21 8.47
C GLY A 47 -6.87 2.56 8.45
N LEU A 48 -8.21 2.53 8.45
CA LEU A 48 -9.05 3.72 8.36
C LEU A 48 -9.14 4.41 9.72
N GLU A 49 -8.96 5.72 9.73
CA GLU A 49 -9.09 6.50 10.96
C GLU A 49 -10.10 7.62 10.74
N TRP A 50 -11.08 7.74 11.64
CA TRP A 50 -12.12 8.75 11.47
C TRP A 50 -11.62 10.08 12.00
N VAL A 51 -11.92 11.15 11.27
CA VAL A 51 -11.36 12.47 11.52
C VAL A 51 -12.41 13.43 12.03
N ALA A 52 -13.50 13.62 11.25
CA ALA A 52 -14.50 14.63 11.57
C ALA A 52 -15.79 14.35 10.82
N SER A 53 -16.88 14.92 11.34
CA SER A 53 -18.12 14.98 10.57
C SER A 53 -18.94 16.21 10.92
N ILE A 54 -19.86 16.51 10.01
CA ILE A 54 -20.86 17.56 10.20
C ILE A 54 -22.23 16.98 9.89
N SER A 55 -23.22 17.31 10.72
CA SER A 55 -24.53 16.70 10.55
C SER A 55 -25.54 17.65 9.91
N PRO A 56 -26.56 17.11 9.23
CA PRO A 56 -27.48 17.97 8.50
C PRO A 56 -28.37 18.72 9.46
N TYR A 57 -28.84 19.88 9.00
CA TYR A 57 -29.88 20.71 9.60
C TYR A 57 -29.42 21.44 10.84
N SER A 58 -28.39 20.96 11.46
CA SER A 58 -27.87 21.61 12.64
C SER A 58 -26.47 22.13 12.42
N GLY A 59 -25.75 21.57 11.46
CA GLY A 59 -24.40 21.98 11.27
C GLY A 59 -23.51 21.57 12.41
N SER A 60 -23.99 20.71 13.28
CA SER A 60 -23.13 20.23 14.34
C SER A 60 -21.93 19.53 13.70
N THR A 61 -20.77 19.71 14.34
CA THR A 61 -19.49 19.18 13.88
C THR A 61 -18.92 18.30 14.97
N TYR A 62 -18.18 17.28 14.55
CA TYR A 62 -17.57 16.35 15.50
C TYR A 62 -16.14 16.07 15.06
N TYR A 63 -15.26 15.83 16.03
CA TYR A 63 -13.84 15.66 15.69
C TYR A 63 -13.18 14.57 16.53
N ALA A 64 -12.31 13.81 15.87
CA ALA A 64 -11.38 12.93 16.55
C ALA A 64 -10.50 13.71 17.52
N ASP A 65 -10.15 13.07 18.64
CA ASP A 65 -9.30 13.74 19.64
C ASP A 65 -7.99 14.18 19.02
N SER A 66 -7.46 13.37 18.11
CA SER A 66 -6.15 13.60 17.54
C SER A 66 -6.09 14.87 16.68
N VAL A 67 -7.20 15.28 16.08
CA VAL A 67 -7.21 16.49 15.26
C VAL A 67 -8.03 17.60 15.90
N LYS A 68 -8.53 17.37 17.11
CA LYS A 68 -9.54 18.23 17.72
C LYS A 68 -8.94 19.59 18.00
N GLY A 69 -9.29 20.58 17.16
CA GLY A 69 -8.85 21.95 17.34
C GLY A 69 -7.97 22.45 16.21
N ARG A 70 -7.25 21.55 15.57
CA ARG A 70 -6.48 21.92 14.39
C ARG A 70 -7.34 21.81 13.15
N PHE A 71 -8.14 20.75 13.03
CA PHE A 71 -8.99 20.61 11.86
C PHE A 71 -10.35 21.23 12.12
N THR A 72 -10.98 21.66 11.03
CA THR A 72 -12.30 22.28 11.06
C THR A 72 -13.06 21.88 9.81
N ILE A 73 -14.16 21.09 9.98
CA ILE A 73 -15.03 20.62 8.91
C ILE A 73 -16.14 21.64 8.66
N SER A 74 -16.64 21.66 7.42
CA SER A 74 -17.74 22.56 7.03
C SER A 74 -18.24 22.19 5.65
N ALA A 75 -19.41 22.71 5.32
CA ALA A 75 -19.99 22.54 4.00
C ALA A 75 -20.46 23.89 3.50
N ASP A 76 -20.12 24.22 2.24
CA ASP A 76 -20.75 25.32 1.54
C ASP A 76 -21.95 24.75 0.81
N THR A 77 -23.14 25.07 1.30
CA THR A 77 -24.31 24.40 0.76
C THR A 77 -24.69 24.99 -0.58
N SER A 78 -24.27 26.24 -0.84
CA SER A 78 -24.51 26.84 -2.15
C SER A 78 -23.60 26.24 -3.21
N LYS A 79 -22.40 25.83 -2.84
CA LYS A 79 -21.48 25.17 -3.75
C LYS A 79 -21.60 23.66 -3.69
N ASN A 80 -22.47 23.14 -2.82
CA ASN A 80 -22.72 21.70 -2.69
C ASN A 80 -21.43 20.93 -2.44
N THR A 81 -20.54 21.49 -1.62
CA THR A 81 -19.28 20.82 -1.32
C THR A 81 -18.97 20.95 0.16
N ALA A 82 -18.21 20.00 0.67
CA ALA A 82 -17.75 19.99 2.05
C ALA A 82 -16.25 20.27 2.11
N TYR A 83 -15.81 20.83 3.24
CA TYR A 83 -14.44 21.28 3.38
C TYR A 83 -13.85 20.70 4.66
N LEU A 84 -12.52 20.62 4.69
CA LEU A 84 -11.75 20.27 5.88
C LEU A 84 -10.58 21.25 6.00
N GLN A 85 -10.61 22.11 7.02
CA GLN A 85 -9.54 23.07 7.20
C GLN A 85 -8.55 22.55 8.23
N MET A 86 -7.40 22.11 7.75
CA MET A 86 -6.35 21.54 8.57
C MET A 86 -5.33 22.62 8.87
N ASN A 87 -5.16 22.93 10.14
CA ASN A 87 -4.17 23.91 10.56
C ASN A 87 -3.12 23.24 11.43
N SER A 88 -1.95 23.85 11.46
CA SER A 88 -0.80 23.38 12.23
C SER A 88 -0.65 21.86 12.12
N LEU A 89 -0.44 21.42 10.89
CA LEU A 89 -0.24 20.02 10.61
C LEU A 89 0.97 19.46 11.36
N ARG A 90 0.82 18.23 11.83
CA ARG A 90 1.89 17.42 12.37
C ARG A 90 2.21 16.31 11.38
N ALA A 91 3.40 15.70 11.51
CA ALA A 91 3.83 14.73 10.49
C ALA A 91 2.84 13.57 10.35
N GLU A 92 2.40 12.98 11.48
CA GLU A 92 1.48 11.86 11.48
C GLU A 92 0.08 12.19 10.95
N ASP A 93 -0.12 13.44 10.57
CA ASP A 93 -1.29 13.76 9.77
C ASP A 93 -1.15 13.24 8.35
N THR A 94 0.04 12.80 7.96
CA THR A 94 0.21 12.24 6.62
C THR A 94 -0.70 11.04 6.46
N ALA A 95 -1.50 11.07 5.41
CA ALA A 95 -2.42 9.99 5.13
C ALA A 95 -3.11 10.31 3.81
N VAL A 96 -3.79 9.31 3.27
CA VAL A 96 -4.81 9.56 2.27
C VAL A 96 -6.08 9.91 3.00
N TYR A 97 -6.66 11.06 2.65
CA TYR A 97 -7.86 11.57 3.28
C TYR A 97 -9.06 11.28 2.40
N TYR A 98 -10.13 10.74 2.98
CA TYR A 98 -11.37 10.39 2.29
C TYR A 98 -12.53 11.17 2.90
N CYS A 99 -13.43 11.69 2.05
CA CYS A 99 -14.77 12.12 2.49
C CYS A 99 -15.79 11.03 2.17
N ALA A 100 -16.72 10.82 3.09
CA ALA A 100 -17.74 9.80 2.90
C ALA A 100 -19.12 10.36 3.25
N ARG A 101 -20.12 9.97 2.47
CA ARG A 101 -21.48 10.40 2.68
C ARG A 101 -22.13 9.40 3.63
N GLN A 102 -22.73 9.88 4.70
CA GLN A 102 -23.48 8.96 5.56
C GLN A 102 -24.87 8.73 4.96
N GLY A 103 -25.20 7.48 4.68
CA GLY A 103 -26.45 7.15 4.01
C GLY A 103 -27.68 7.35 4.88
N TYR A 104 -28.83 7.31 4.18
CA TYR A 104 -30.11 7.72 4.76
C TYR A 104 -30.55 6.79 5.89
N ARG A 105 -30.96 7.38 7.01
CA ARG A 105 -31.36 6.68 8.23
C ARG A 105 -32.20 5.45 7.95
N ARG A 106 -33.10 5.54 6.99
CA ARG A 106 -34.05 4.46 6.74
C ARG A 106 -33.76 3.67 5.48
N ARG A 107 -32.54 3.80 4.92
CA ARG A 107 -32.09 2.89 3.85
C ARG A 107 -30.76 2.22 4.15
N SER A 108 -29.86 2.86 4.87
CA SER A 108 -28.58 2.20 5.07
C SER A 108 -28.05 2.43 6.48
N GLY A 109 -28.95 2.66 7.43
CA GLY A 109 -28.54 2.86 8.82
C GLY A 109 -27.66 4.06 8.94
N ARG A 110 -26.54 3.90 9.63
CA ARG A 110 -25.49 4.89 9.68
C ARG A 110 -24.29 4.49 8.83
N GLY A 111 -24.48 3.53 7.91
CA GLY A 111 -23.42 3.18 6.99
C GLY A 111 -22.98 4.38 6.14
N PHE A 112 -21.67 4.45 5.85
CA PHE A 112 -21.14 5.38 4.85
C PHE A 112 -21.25 4.68 3.51
N ASP A 113 -22.18 5.11 2.65
CA ASP A 113 -22.52 4.34 1.46
C ASP A 113 -21.84 4.82 0.19
N TYR A 114 -21.36 6.06 0.17
CA TYR A 114 -20.63 6.63 -0.95
C TYR A 114 -19.36 7.24 -0.42
N TRP A 115 -18.22 6.83 -0.96
CA TRP A 115 -16.90 7.23 -0.48
C TRP A 115 -16.24 8.15 -1.47
N GLY A 116 -15.33 8.98 -0.97
CA GLY A 116 -14.58 9.84 -1.86
C GLY A 116 -13.65 9.03 -2.73
N GLN A 117 -12.53 9.62 -3.10
CA GLN A 117 -11.52 8.93 -3.89
C GLN A 117 -10.19 8.95 -3.20
N GLY A 118 -10.05 9.75 -2.14
CA GLY A 118 -8.79 10.02 -1.52
C GLY A 118 -8.02 11.12 -2.23
N THR A 119 -7.54 12.11 -1.48
CA THR A 119 -6.34 12.82 -1.85
C THR A 119 -5.26 12.55 -0.81
N LEU A 120 -4.05 12.41 -1.31
CA LEU A 120 -2.87 12.28 -0.47
C LEU A 120 -2.43 13.62 0.09
N VAL A 121 -2.27 13.67 1.42
CA VAL A 121 -1.66 14.80 2.11
C VAL A 121 -0.41 14.27 2.80
N THR A 122 0.72 14.92 2.55
CA THR A 122 1.96 14.60 3.23
C THR A 122 2.37 15.78 4.08
N VAL A 123 2.81 15.51 5.30
CA VAL A 123 3.33 16.54 6.16
C VAL A 123 4.80 16.22 6.38
N SER A 124 5.67 17.00 5.73
CA SER A 124 7.10 16.78 5.81
C SER A 124 7.82 18.11 5.76
N SER A 125 8.90 18.20 6.53
CA SER A 125 9.85 19.28 6.34
C SER A 125 10.94 18.89 5.34
N ALA A 126 10.89 17.67 4.79
CA ALA A 126 11.69 17.33 3.62
C ALA A 126 11.29 18.19 2.43
N SER A 127 12.03 18.03 1.34
CA SER A 127 11.82 18.83 0.15
C SER A 127 11.73 17.91 -1.06
N THR A 128 11.18 18.47 -2.13
CA THR A 128 10.98 17.70 -3.34
C THR A 128 12.31 17.18 -3.83
N LYS A 129 12.32 15.94 -4.31
CA LYS A 129 13.52 15.40 -4.92
C LYS A 129 13.14 14.35 -5.94
N GLY A 130 13.52 14.61 -7.20
CA GLY A 130 13.38 13.63 -8.24
C GLY A 130 14.26 12.42 -8.00
N PRO A 131 13.86 11.29 -8.56
CA PRO A 131 14.57 10.04 -8.28
C PRO A 131 15.77 9.85 -9.18
N SER A 132 16.86 9.37 -8.61
CA SER A 132 17.98 8.91 -9.40
C SER A 132 17.72 7.47 -9.83
N VAL A 133 17.82 7.20 -11.13
CA VAL A 133 17.44 5.91 -11.71
C VAL A 133 18.71 5.17 -12.11
N PHE A 134 18.88 3.96 -11.59
CA PHE A 134 20.02 3.15 -11.95
C PHE A 134 19.54 1.80 -12.49
N PRO A 135 20.25 1.21 -13.43
CA PRO A 135 19.82 -0.11 -13.93
C PRO A 135 20.21 -1.20 -12.96
N LEU A 136 19.38 -2.26 -12.96
CA LEU A 136 19.74 -3.55 -12.41
C LEU A 136 20.03 -4.43 -13.62
N ALA A 137 21.32 -4.58 -13.93
CA ALA A 137 21.71 -5.21 -15.18
C ALA A 137 21.47 -6.71 -15.10
N PRO A 138 20.81 -7.31 -16.10
CA PRO A 138 20.72 -8.77 -16.13
C PRO A 138 22.12 -9.37 -16.13
N SER A 139 22.22 -10.54 -15.52
CA SER A 139 23.51 -11.13 -15.16
C SER A 139 24.20 -11.75 -16.36
N SER A 140 25.20 -12.57 -16.07
CA SER A 140 25.89 -13.42 -17.03
C SER A 140 24.94 -14.27 -17.84
N LYS A 141 23.66 -14.29 -17.44
CA LYS A 141 22.60 -15.01 -18.16
C LYS A 141 22.99 -16.50 -18.32
N SER A 142 23.39 -17.10 -17.20
CA SER A 142 23.59 -18.55 -17.19
C SER A 142 22.25 -19.27 -17.41
N THR A 143 21.20 -18.84 -16.70
CA THR A 143 19.80 -19.09 -17.04
C THR A 143 19.50 -20.57 -17.30
N SER A 144 19.54 -21.35 -16.20
CA SER A 144 19.16 -22.77 -16.28
C SER A 144 17.71 -22.94 -16.69
N GLY A 145 16.82 -22.07 -16.21
CA GLY A 145 15.43 -22.02 -16.59
C GLY A 145 15.11 -21.12 -17.78
N GLY A 146 16.11 -20.67 -18.52
CA GLY A 146 15.88 -19.92 -19.74
C GLY A 146 15.29 -18.54 -19.57
N THR A 147 15.38 -17.96 -18.37
CA THR A 147 14.82 -16.64 -18.11
C THR A 147 15.72 -15.85 -17.16
N ALA A 148 15.83 -14.55 -17.43
CA ALA A 148 16.61 -13.65 -16.60
C ALA A 148 15.72 -12.52 -16.07
N ALA A 149 16.20 -11.89 -15.01
CA ALA A 149 15.54 -10.74 -14.40
C ALA A 149 16.36 -9.48 -14.64
N LEU A 150 15.70 -8.42 -15.05
CA LEU A 150 16.31 -7.11 -15.17
C LEU A 150 15.38 -6.11 -14.51
N GLY A 151 15.96 -5.01 -14.03
CA GLY A 151 15.16 -4.07 -13.28
C GLY A 151 15.78 -2.70 -13.20
N CYS A 152 15.03 -1.77 -12.61
CA CYS A 152 15.48 -0.40 -12.38
C CYS A 152 15.39 -0.12 -10.90
N LEU A 153 16.49 0.32 -10.30
CA LEU A 153 16.44 0.85 -8.95
C LEU A 153 16.16 2.35 -9.03
N VAL A 154 15.04 2.75 -8.45
CA VAL A 154 14.60 4.14 -8.43
C VAL A 154 14.80 4.65 -7.01
N LYS A 155 15.78 5.54 -6.81
CA LYS A 155 16.29 5.80 -5.47
C LYS A 155 16.32 7.30 -5.16
N ASP A 156 16.19 7.61 -3.86
CA ASP A 156 16.40 8.96 -3.32
C ASP A 156 15.45 9.97 -3.94
N TYR A 157 14.18 9.80 -3.58
CA TYR A 157 13.09 10.50 -4.24
C TYR A 157 12.14 10.94 -3.13
N PHE A 158 11.40 11.99 -3.36
CA PHE A 158 10.48 12.44 -2.32
C PHE A 158 9.53 13.45 -2.92
N PRO A 159 8.25 13.46 -2.54
CA PRO A 159 7.55 12.44 -1.78
C PRO A 159 6.97 11.45 -2.77
N GLU A 160 6.07 10.56 -2.37
CA GLU A 160 5.47 9.64 -3.32
C GLU A 160 4.32 10.33 -4.01
N PRO A 161 3.79 9.76 -5.11
CA PRO A 161 4.09 8.48 -5.74
C PRO A 161 5.13 8.53 -6.84
N VAL A 162 5.42 7.35 -7.37
CA VAL A 162 6.22 7.17 -8.58
C VAL A 162 5.52 6.19 -9.50
N THR A 163 5.41 6.55 -10.77
CA THR A 163 4.98 5.62 -11.81
C THR A 163 6.20 4.96 -12.41
N VAL A 164 6.10 3.65 -12.63
CA VAL A 164 7.08 2.91 -13.38
C VAL A 164 6.36 2.06 -14.39
N SER A 165 6.67 2.27 -15.66
CA SER A 165 6.19 1.42 -16.72
C SER A 165 7.38 0.98 -17.56
N TRP A 166 7.32 -0.24 -18.06
CA TRP A 166 8.39 -0.77 -18.90
C TRP A 166 8.00 -0.63 -20.36
N ASN A 167 8.97 -0.21 -21.16
CA ASN A 167 8.82 -0.03 -22.61
C ASN A 167 7.45 0.56 -22.93
N SER A 168 7.21 1.75 -22.37
CA SER A 168 6.04 2.61 -22.63
C SER A 168 4.75 1.81 -22.74
N GLY A 169 4.40 1.15 -21.63
CA GLY A 169 3.13 0.47 -21.50
C GLY A 169 3.09 -0.95 -21.99
N ALA A 170 3.85 -1.28 -23.03
CA ALA A 170 4.03 -2.67 -23.42
C ALA A 170 4.71 -3.42 -22.28
N LEU A 171 4.78 -4.74 -22.42
CA LEU A 171 5.43 -5.58 -21.41
C LEU A 171 4.85 -5.30 -20.02
N THR A 172 3.57 -5.64 -19.89
CA THR A 172 2.91 -5.63 -18.60
C THR A 172 2.99 -6.98 -17.91
N SER A 173 3.64 -7.94 -18.54
CA SER A 173 3.68 -9.31 -18.04
C SER A 173 5.01 -9.55 -17.35
N GLY A 174 5.00 -10.44 -16.36
CA GLY A 174 6.18 -10.73 -15.58
C GLY A 174 6.65 -9.62 -14.67
N VAL A 175 6.16 -8.40 -14.85
CA VAL A 175 6.68 -7.25 -14.14
C VAL A 175 6.21 -7.27 -12.70
N HIS A 176 7.07 -6.78 -11.81
CA HIS A 176 6.76 -6.58 -10.40
C HIS A 176 7.35 -5.23 -10.01
N THR A 177 6.53 -4.24 -9.71
CA THR A 177 7.05 -3.03 -9.12
C THR A 177 6.86 -3.09 -7.60
N PHE A 178 7.89 -2.70 -6.88
CA PHE A 178 7.77 -3.00 -5.46
C PHE A 178 7.35 -1.77 -4.68
N PRO A 179 6.83 -1.97 -3.47
CA PRO A 179 6.59 -0.84 -2.58
C PRO A 179 7.88 -0.09 -2.28
N ALA A 180 7.73 1.22 -2.16
CA ALA A 180 8.89 1.98 -1.75
C ALA A 180 9.11 1.80 -0.26
N VAL A 181 10.35 2.01 0.16
CA VAL A 181 10.73 2.01 1.56
C VAL A 181 11.28 3.38 1.92
N LEU A 182 10.91 3.88 3.10
CA LEU A 182 11.59 5.04 3.69
C LEU A 182 12.93 4.61 4.22
N GLN A 183 13.96 5.32 3.83
CA GLN A 183 15.29 4.93 4.20
C GLN A 183 15.85 5.98 5.17
N SER A 184 17.06 5.71 5.67
CA SER A 184 17.63 6.51 6.75
C SER A 184 17.69 7.98 6.39
N SER A 185 17.95 8.30 5.13
CA SER A 185 18.00 9.70 4.71
C SER A 185 16.64 10.38 4.77
N GLY A 186 15.55 9.64 4.94
CA GLY A 186 14.26 10.27 4.78
C GLY A 186 13.82 10.39 3.34
N LEU A 187 14.43 9.64 2.44
CA LEU A 187 14.09 9.63 1.03
C LEU A 187 13.55 8.27 0.66
N TYR A 188 12.52 8.25 -0.18
CA TYR A 188 11.99 6.94 -0.48
C TYR A 188 12.78 6.30 -1.62
N SER A 189 12.72 4.98 -1.68
CA SER A 189 13.38 4.24 -2.74
C SER A 189 12.58 2.98 -3.00
N LEU A 190 12.44 2.65 -4.28
CA LEU A 190 11.88 1.37 -4.67
C LEU A 190 12.57 0.92 -5.93
N SER A 191 12.49 -0.37 -6.17
CA SER A 191 12.94 -0.90 -7.45
C SER A 191 11.81 -1.68 -8.08
N SER A 192 11.73 -1.57 -9.39
CA SER A 192 10.82 -2.32 -10.22
C SER A 192 11.62 -3.31 -11.06
N VAL A 193 11.09 -4.52 -11.20
CA VAL A 193 11.76 -5.62 -11.87
C VAL A 193 10.78 -6.32 -12.80
N VAL A 194 11.29 -6.82 -13.91
CA VAL A 194 10.53 -7.69 -14.78
C VAL A 194 11.40 -8.90 -15.08
N THR A 195 10.75 -10.06 -15.22
CA THR A 195 11.40 -11.22 -15.78
C THR A 195 10.99 -11.39 -17.23
N VAL A 196 11.78 -12.16 -17.96
CA VAL A 196 11.61 -12.28 -19.39
C VAL A 196 12.44 -13.46 -19.84
N PRO A 197 12.03 -14.19 -20.88
CA PRO A 197 12.93 -15.17 -21.47
C PRO A 197 14.25 -14.51 -21.85
N SER A 198 15.34 -15.17 -21.50
CA SER A 198 16.68 -14.65 -21.76
C SER A 198 17.15 -14.92 -23.19
N SER A 199 16.30 -15.54 -24.01
CA SER A 199 16.56 -15.61 -25.45
C SER A 199 16.48 -14.23 -26.10
N SER A 200 15.40 -13.50 -25.82
CA SER A 200 15.20 -12.14 -26.33
C SER A 200 16.02 -11.11 -25.57
N LEU A 201 17.00 -11.55 -24.78
CA LEU A 201 17.94 -10.68 -24.07
C LEU A 201 18.96 -10.18 -25.09
N GLY A 202 18.77 -8.95 -25.58
CA GLY A 202 19.60 -8.42 -26.64
C GLY A 202 18.84 -8.29 -27.95
N THR A 203 18.03 -9.30 -28.28
CA THR A 203 17.11 -9.18 -29.41
C THR A 203 16.10 -8.06 -29.14
N GLN A 204 15.47 -8.09 -27.98
CA GLN A 204 14.67 -6.98 -27.51
C GLN A 204 15.43 -6.26 -26.40
N THR A 205 15.40 -4.93 -26.43
CA THR A 205 15.98 -4.12 -25.39
C THR A 205 14.88 -3.58 -24.49
N TYR A 206 15.20 -3.40 -23.20
CA TYR A 206 14.22 -3.11 -22.18
C TYR A 206 14.54 -1.77 -21.53
N ILE A 207 13.51 -0.93 -21.38
CA ILE A 207 13.63 0.46 -20.89
C ILE A 207 12.45 0.77 -19.99
N CYS A 208 12.71 0.91 -18.68
CA CYS A 208 11.68 1.36 -17.77
C CYS A 208 11.45 2.85 -17.93
N ASN A 209 10.20 3.27 -17.74
CA ASN A 209 9.78 4.65 -17.91
C ASN A 209 9.39 5.14 -16.53
N VAL A 210 10.29 5.82 -15.84
CA VAL A 210 10.01 6.30 -14.50
C VAL A 210 9.41 7.69 -14.59
N ASN A 211 8.23 7.87 -14.02
CA ASN A 211 7.51 9.13 -14.10
C ASN A 211 7.29 9.56 -12.66
N HIS A 212 7.96 10.63 -12.24
CA HIS A 212 7.79 11.19 -10.90
C HIS A 212 7.24 12.59 -11.10
N LYS A 213 5.91 12.66 -11.07
CA LYS A 213 5.22 13.93 -11.20
C LYS A 213 5.51 14.94 -10.09
N PRO A 214 5.63 14.58 -8.81
CA PRO A 214 5.82 15.62 -7.79
C PRO A 214 7.09 16.46 -7.97
N SER A 215 8.08 15.99 -8.72
CA SER A 215 9.25 16.79 -9.02
C SER A 215 9.34 17.13 -10.50
N ASN A 216 8.42 16.62 -11.30
CA ASN A 216 8.41 16.87 -12.74
C ASN A 216 9.63 16.21 -13.37
N THR A 217 9.96 15.02 -12.90
CA THR A 217 10.97 14.20 -13.55
C THR A 217 10.29 13.06 -14.30
N LYS A 218 10.62 12.94 -15.58
CA LYS A 218 10.08 11.92 -16.47
C LYS A 218 11.32 11.29 -17.08
N VAL A 219 11.76 10.17 -16.51
CA VAL A 219 13.07 9.61 -16.76
C VAL A 219 12.90 8.27 -17.45
N ASP A 220 13.77 7.97 -18.42
CA ASP A 220 13.85 6.65 -19.02
C ASP A 220 15.26 6.11 -18.86
N LYS A 221 15.39 4.81 -18.54
CA LYS A 221 16.71 4.22 -18.42
C LYS A 221 16.73 2.90 -19.17
N LYS A 222 17.78 2.68 -19.96
CA LYS A 222 17.96 1.39 -20.62
C LYS A 222 18.66 0.44 -19.67
N VAL A 223 18.23 -0.81 -19.68
CA VAL A 223 18.81 -1.85 -18.84
C VAL A 223 19.34 -2.95 -19.76
N GLU A 224 20.61 -3.31 -19.57
CA GLU A 224 21.30 -4.34 -20.34
C GLU A 224 22.61 -4.63 -19.62
N PRO A 225 23.31 -5.73 -19.95
CA PRO A 225 24.55 -6.06 -19.23
C PRO A 225 25.74 -5.29 -19.80
N LYS A 226 26.97 -5.55 -19.32
CA LYS A 226 28.13 -4.77 -19.79
C LYS A 226 29.30 -5.63 -20.26
N SER A 227 29.46 -6.82 -19.68
CA SER A 227 30.46 -7.80 -20.12
C SER A 227 31.88 -7.23 -20.16
N CYS A 228 32.82 -7.97 -20.75
CA CYS A 228 34.22 -7.56 -20.89
C CYS A 228 34.37 -6.40 -21.86
N SER B 1 -12.67 8.52 26.81
CA SER B 1 -13.41 7.26 26.87
C SER B 1 -14.05 6.92 25.51
N ASP B 2 -13.24 6.92 24.46
CA ASP B 2 -13.75 6.52 23.16
C ASP B 2 -14.16 5.04 23.22
N ILE B 3 -15.12 4.67 22.41
CA ILE B 3 -15.43 3.24 22.28
C ILE B 3 -14.38 2.62 21.38
N GLN B 4 -13.74 1.55 21.86
CA GLN B 4 -12.78 0.84 21.03
C GLN B 4 -13.43 -0.35 20.35
N MET B 5 -12.89 -0.71 19.19
CA MET B 5 -13.50 -1.70 18.31
C MET B 5 -12.41 -2.66 17.88
N THR B 6 -12.16 -3.69 18.66
CA THR B 6 -11.02 -4.58 18.49
C THR B 6 -11.37 -5.75 17.55
N GLN B 7 -10.67 -5.84 16.41
CA GLN B 7 -11.04 -6.70 15.31
C GLN B 7 -10.04 -7.84 15.14
N SER B 8 -10.54 -9.07 14.92
CA SER B 8 -9.61 -10.18 14.74
C SER B 8 -10.23 -11.24 13.84
N PRO B 9 -9.43 -12.00 13.11
CA PRO B 9 -7.95 -11.99 13.10
C PRO B 9 -7.44 -10.76 12.33
N SER B 10 -6.22 -10.26 12.47
CA SER B 10 -5.77 -9.22 11.56
C SER B 10 -5.39 -9.75 10.18
N SER B 11 -5.09 -11.04 10.09
CA SER B 11 -4.82 -11.62 8.79
C SER B 11 -5.41 -13.00 8.75
N LEU B 12 -5.51 -13.51 7.54
CA LEU B 12 -6.33 -14.69 7.34
C LEU B 12 -6.01 -15.26 5.98
N SER B 13 -5.57 -16.51 5.92
CA SER B 13 -5.35 -17.14 4.62
C SER B 13 -6.36 -18.26 4.49
N ALA B 14 -7.14 -18.21 3.43
CA ALA B 14 -8.20 -19.16 3.15
C ALA B 14 -8.11 -19.51 1.68
N SER B 15 -8.66 -20.63 1.31
CA SER B 15 -8.91 -20.84 -0.09
C SER B 15 -10.39 -20.54 -0.41
N VAL B 16 -10.80 -20.94 -1.60
CA VAL B 16 -12.10 -20.59 -2.18
C VAL B 16 -13.13 -21.64 -1.78
N GLY B 17 -14.32 -21.14 -1.41
CA GLY B 17 -15.39 -21.94 -0.87
C GLY B 17 -15.29 -22.13 0.62
N ASP B 18 -14.26 -21.60 1.26
CA ASP B 18 -14.14 -21.73 2.70
C ASP B 18 -15.13 -20.79 3.37
N ARG B 19 -15.66 -21.24 4.49
CA ARG B 19 -16.35 -20.32 5.37
C ARG B 19 -15.32 -19.43 6.05
N VAL B 20 -15.64 -18.15 6.19
CA VAL B 20 -14.71 -17.21 6.80
C VAL B 20 -15.49 -16.30 7.73
N THR B 21 -15.01 -16.12 8.96
CA THR B 21 -15.62 -15.15 9.85
C THR B 21 -14.57 -14.18 10.35
N ILE B 22 -14.98 -12.92 10.48
CA ILE B 22 -14.14 -11.81 10.93
C ILE B 22 -14.86 -11.19 12.12
N THR B 23 -14.40 -11.50 13.32
CA THR B 23 -15.09 -10.97 14.47
C THR B 23 -14.61 -9.53 14.78
N CYS B 24 -15.37 -8.84 15.63
CA CYS B 24 -15.04 -7.50 16.10
C CYS B 24 -15.75 -7.33 17.44
N ARG B 25 -15.11 -6.64 18.39
CA ARG B 25 -15.68 -6.53 19.73
C ARG B 25 -15.63 -5.11 20.25
N ALA B 26 -16.82 -4.60 20.59
CA ALA B 26 -17.01 -3.25 21.12
C ALA B 26 -16.68 -3.21 22.62
N SER B 27 -15.90 -2.22 23.02
CA SER B 27 -15.56 -2.13 24.44
C SER B 27 -16.72 -1.60 25.28
N GLN B 28 -17.70 -0.96 24.67
CA GLN B 28 -18.93 -0.53 25.32
C GLN B 28 -20.09 -1.04 24.49
N SER B 29 -21.32 -0.87 24.97
CA SER B 29 -22.44 -1.12 24.07
C SER B 29 -22.45 -0.12 22.94
N VAL B 30 -22.79 -0.61 21.75
CA VAL B 30 -22.93 0.27 20.61
C VAL B 30 -24.27 -0.03 19.93
N SER B 31 -25.20 -0.64 20.67
CA SER B 31 -26.48 -1.09 20.10
C SER B 31 -26.17 -1.89 18.84
N SER B 32 -26.85 -1.67 17.73
CA SER B 32 -26.45 -2.32 16.50
C SER B 32 -25.81 -1.33 15.52
N ALA B 33 -25.24 -0.25 16.03
CA ALA B 33 -24.71 0.79 15.18
C ALA B 33 -23.37 0.41 14.53
N VAL B 34 -23.32 -0.74 13.84
CA VAL B 34 -22.04 -1.33 13.45
C VAL B 34 -22.08 -1.62 11.95
N ALA B 35 -21.12 -1.09 11.21
CA ALA B 35 -21.02 -1.31 9.77
C ALA B 35 -19.79 -2.13 9.41
N TRP B 36 -19.86 -2.81 8.27
CA TRP B 36 -18.72 -3.54 7.74
C TRP B 36 -18.36 -2.95 6.38
N TYR B 37 -17.07 -2.73 6.15
CA TYR B 37 -16.57 -2.21 4.89
C TYR B 37 -15.57 -3.20 4.30
N GLN B 38 -15.53 -3.24 2.97
CA GLN B 38 -14.50 -3.93 2.21
C GLN B 38 -13.57 -2.90 1.57
N GLN B 39 -12.28 -3.18 1.49
CA GLN B 39 -11.36 -2.29 0.76
C GLN B 39 -10.35 -3.09 -0.03
N LYS B 40 -10.16 -2.71 -1.27
CA LYS B 40 -9.10 -3.37 -1.97
C LYS B 40 -7.95 -2.40 -2.23
N PRO B 41 -6.72 -2.90 -2.36
CA PRO B 41 -5.55 -2.02 -2.34
C PRO B 41 -5.70 -0.87 -3.31
N GLY B 42 -5.54 0.34 -2.80
CA GLY B 42 -5.58 1.53 -3.62
C GLY B 42 -6.95 2.01 -4.04
N LYS B 43 -8.01 1.39 -3.54
CA LYS B 43 -9.36 1.86 -3.80
C LYS B 43 -10.06 2.28 -2.51
N ALA B 44 -11.22 2.89 -2.66
CA ALA B 44 -11.98 3.35 -1.52
C ALA B 44 -12.69 2.18 -0.83
N PRO B 45 -13.08 2.35 0.44
CA PRO B 45 -13.90 1.34 1.11
C PRO B 45 -15.27 1.21 0.45
N LYS B 46 -15.76 -0.03 0.41
CA LYS B 46 -17.13 -0.35 0.02
C LYS B 46 -17.96 -0.58 1.28
N LEU B 47 -19.18 -0.06 1.35
CA LEU B 47 -20.08 -0.47 2.42
C LEU B 47 -20.63 -1.87 2.13
N LEU B 48 -20.53 -2.76 3.13
CA LEU B 48 -21.09 -4.10 3.03
C LEU B 48 -22.30 -4.29 3.92
N ILE B 49 -22.18 -4.08 5.22
CA ILE B 49 -23.22 -4.37 6.20
C ILE B 49 -23.51 -3.09 6.94
N TYR B 50 -24.77 -2.77 7.11
CA TYR B 50 -25.12 -1.69 8.02
C TYR B 50 -26.08 -2.19 9.08
N SER B 51 -26.13 -1.41 10.16
CA SER B 51 -26.99 -1.74 11.30
C SER B 51 -26.73 -3.17 11.78
N ALA B 52 -25.45 -3.52 11.80
CA ALA B 52 -24.89 -4.73 12.37
C ALA B 52 -25.25 -5.99 11.60
N SER B 53 -26.33 -5.98 10.84
CA SER B 53 -26.72 -7.26 10.25
C SER B 53 -27.36 -7.18 8.88
N SER B 54 -27.52 -5.99 8.30
CA SER B 54 -28.29 -5.76 7.08
C SER B 54 -27.33 -5.50 5.93
N LEU B 55 -27.55 -6.16 4.78
CA LEU B 55 -26.68 -5.92 3.64
C LEU B 55 -27.00 -4.59 2.94
N TYR B 56 -25.96 -3.83 2.63
CA TYR B 56 -26.10 -2.69 1.73
C TYR B 56 -26.31 -3.26 0.34
N SER B 57 -26.36 -2.39 -0.66
CA SER B 57 -26.74 -2.87 -1.97
C SER B 57 -25.56 -3.52 -2.67
N GLY B 58 -25.87 -4.32 -3.69
CA GLY B 58 -24.81 -4.91 -4.49
C GLY B 58 -23.86 -5.87 -3.77
N VAL B 59 -23.93 -5.92 -2.43
CA VAL B 59 -23.43 -7.04 -1.62
C VAL B 59 -24.18 -8.32 -1.99
N PRO B 60 -23.52 -9.44 -2.28
CA PRO B 60 -24.22 -10.66 -2.66
C PRO B 60 -24.57 -11.51 -1.43
N SER B 61 -25.35 -12.56 -1.66
CA SER B 61 -25.98 -13.25 -0.53
C SER B 61 -24.99 -14.01 0.35
N ARG B 62 -23.75 -14.26 -0.08
CA ARG B 62 -22.81 -14.98 0.77
C ARG B 62 -22.26 -14.13 1.91
N PHE B 63 -22.47 -12.82 1.91
CA PHE B 63 -22.05 -12.01 3.04
C PHE B 63 -23.16 -11.98 4.07
N SER B 64 -22.80 -11.73 5.32
CA SER B 64 -23.75 -11.71 6.43
C SER B 64 -23.12 -11.23 7.72
N GLY B 65 -23.84 -10.38 8.44
CA GLY B 65 -23.38 -9.80 9.68
C GLY B 65 -24.33 -10.18 10.79
N SER B 66 -23.80 -10.32 12.00
CA SER B 66 -24.58 -10.76 13.14
C SER B 66 -24.02 -10.11 14.39
N ARG B 67 -24.84 -10.10 15.42
CA ARG B 67 -24.49 -9.47 16.69
C ARG B 67 -24.78 -10.45 17.82
N SER B 68 -23.95 -10.36 18.86
CA SER B 68 -24.33 -10.88 20.17
C SER B 68 -23.71 -9.92 21.17
N GLY B 69 -24.54 -9.22 21.91
CA GLY B 69 -24.06 -8.22 22.84
C GLY B 69 -23.17 -7.21 22.16
N THR B 70 -21.88 -7.25 22.49
CA THR B 70 -20.89 -6.38 21.88
C THR B 70 -19.99 -7.10 20.90
N ASP B 71 -20.36 -8.31 20.50
CA ASP B 71 -19.56 -9.17 19.63
C ASP B 71 -20.21 -9.20 18.26
N PHE B 72 -19.58 -8.56 17.29
CA PHE B 72 -20.11 -8.42 15.94
C PHE B 72 -19.26 -9.26 15.01
N THR B 73 -19.86 -9.91 14.03
CA THR B 73 -19.03 -10.71 13.15
C THR B 73 -19.48 -10.60 11.70
N LEU B 74 -18.55 -10.26 10.82
CA LEU B 74 -18.74 -10.49 9.39
C LEU B 74 -18.54 -11.98 9.09
N THR B 75 -19.31 -12.50 8.13
CA THR B 75 -19.24 -13.92 7.76
C THR B 75 -19.36 -14.06 6.25
N ILE B 76 -18.31 -14.55 5.58
CA ILE B 76 -18.44 -14.98 4.19
C ILE B 76 -18.75 -16.47 4.20
N SER B 77 -19.91 -16.84 3.66
CA SER B 77 -20.37 -18.22 3.76
C SER B 77 -19.51 -19.17 2.94
N SER B 78 -19.10 -18.77 1.74
CA SER B 78 -18.18 -19.61 0.97
C SER B 78 -17.34 -18.70 0.08
N LEU B 79 -16.07 -18.51 0.48
CA LEU B 79 -15.25 -17.42 -0.04
C LEU B 79 -15.01 -17.56 -1.53
N GLN B 80 -15.15 -16.44 -2.24
CA GLN B 80 -15.06 -16.30 -3.68
C GLN B 80 -13.85 -15.45 -4.04
N PRO B 81 -13.20 -15.72 -5.18
CA PRO B 81 -11.99 -14.95 -5.52
C PRO B 81 -12.17 -13.44 -5.47
N GLU B 82 -13.34 -12.91 -5.84
CA GLU B 82 -13.63 -11.48 -5.68
C GLU B 82 -13.47 -10.99 -4.24
N ASP B 83 -13.45 -11.90 -3.25
CA ASP B 83 -13.67 -11.50 -1.87
C ASP B 83 -12.40 -11.39 -1.06
N PHE B 84 -11.23 -11.43 -1.71
CA PHE B 84 -9.95 -11.29 -1.02
C PHE B 84 -9.58 -9.81 -0.95
N ALA B 85 -9.88 -9.19 0.18
CA ALA B 85 -9.61 -7.78 0.37
C ALA B 85 -9.34 -7.57 1.84
N THR B 86 -9.39 -6.31 2.27
CA THR B 86 -9.38 -6.02 3.69
C THR B 86 -10.79 -5.67 4.16
N TYR B 87 -11.10 -5.98 5.41
CA TYR B 87 -12.42 -5.72 5.94
C TYR B 87 -12.30 -4.93 7.23
N TYR B 88 -13.07 -3.84 7.32
CA TYR B 88 -13.06 -2.99 8.51
C TYR B 88 -14.46 -2.99 9.12
N CYS B 89 -14.54 -3.09 10.45
CA CYS B 89 -15.76 -2.82 11.20
C CYS B 89 -15.70 -1.38 11.67
N GLN B 90 -16.86 -0.74 11.78
CA GLN B 90 -16.97 0.62 12.26
C GLN B 90 -18.13 0.71 13.24
N GLN B 91 -17.97 1.42 14.36
CA GLN B 91 -19.10 1.72 15.23
C GLN B 91 -19.54 3.17 15.01
N SER B 92 -20.85 3.38 14.96
CA SER B 92 -21.43 4.70 14.78
C SER B 92 -22.46 4.98 15.87
N TYR B 93 -22.27 4.38 17.05
CA TYR B 93 -23.19 4.57 18.16
C TYR B 93 -22.91 5.86 18.92
N SER B 94 -21.66 6.32 18.94
CA SER B 94 -21.41 7.63 19.51
C SER B 94 -20.16 8.22 18.86
N PHE B 95 -20.03 9.56 18.94
CA PHE B 95 -18.78 10.12 18.46
C PHE B 95 -17.77 10.08 19.59
N PRO B 96 -16.47 9.95 19.26
CA PRO B 96 -15.91 9.77 17.91
C PRO B 96 -16.13 8.38 17.37
N SER B 97 -16.41 8.32 16.07
CA SER B 97 -16.56 7.04 15.39
C SER B 97 -15.22 6.33 15.35
N THR B 98 -15.24 5.00 15.47
CA THR B 98 -13.99 4.26 15.46
C THR B 98 -14.13 3.07 14.52
N PHE B 99 -13.04 2.74 13.86
CA PHE B 99 -12.95 1.57 13.00
C PHE B 99 -12.18 0.45 13.70
N GLY B 100 -12.38 -0.76 13.21
CA GLY B 100 -11.50 -1.84 13.57
C GLY B 100 -10.22 -1.69 12.78
N GLN B 101 -9.18 -2.41 13.21
CA GLN B 101 -7.90 -2.15 12.58
C GLN B 101 -7.74 -2.94 11.29
N GLY B 102 -8.64 -3.86 11.01
CA GLY B 102 -8.71 -4.47 9.71
C GLY B 102 -8.42 -5.96 9.78
N THR B 103 -8.92 -6.69 8.80
CA THR B 103 -8.58 -8.10 8.62
C THR B 103 -8.20 -8.28 7.16
N LYS B 104 -7.02 -8.86 6.92
CA LYS B 104 -6.54 -9.06 5.56
C LYS B 104 -6.80 -10.51 5.21
N VAL B 105 -7.47 -10.74 4.10
CA VAL B 105 -7.96 -12.06 3.77
C VAL B 105 -7.28 -12.48 2.48
N GLU B 106 -6.35 -13.43 2.59
CA GLU B 106 -5.41 -13.83 1.55
C GLU B 106 -5.72 -15.22 1.04
N ILE B 107 -5.23 -15.51 -0.14
CA ILE B 107 -5.56 -16.75 -0.82
C ILE B 107 -4.60 -17.84 -0.33
N LYS B 108 -5.12 -19.05 -0.19
CA LYS B 108 -4.30 -20.19 0.17
C LYS B 108 -3.82 -20.84 -1.13
N ARG B 109 -2.51 -21.06 -1.22
CA ARG B 109 -1.87 -21.53 -2.43
C ARG B 109 -1.05 -22.78 -2.12
N THR B 110 -0.68 -23.52 -3.16
CA THR B 110 0.37 -24.51 -3.00
C THR B 110 1.73 -23.82 -2.77
N VAL B 111 2.62 -24.53 -2.07
CA VAL B 111 3.96 -24.02 -1.76
C VAL B 111 4.79 -23.90 -3.03
N ALA B 112 5.48 -22.75 -3.19
CA ALA B 112 6.35 -22.49 -4.33
C ALA B 112 7.68 -21.89 -3.88
N ALA B 113 8.78 -22.52 -4.28
CA ALA B 113 10.09 -21.97 -4.00
C ALA B 113 10.31 -20.70 -4.82
N PRO B 114 11.11 -19.76 -4.31
CA PRO B 114 11.44 -18.56 -5.08
C PRO B 114 12.54 -18.85 -6.07
N SER B 115 12.65 -17.98 -7.06
CA SER B 115 13.84 -17.97 -7.91
C SER B 115 14.62 -16.70 -7.59
N VAL B 116 15.84 -16.88 -7.08
CA VAL B 116 16.61 -15.79 -6.51
C VAL B 116 17.49 -15.15 -7.58
N PHE B 117 17.55 -13.81 -7.55
CA PHE B 117 18.33 -13.00 -8.48
C PHE B 117 19.09 -11.95 -7.68
N ILE B 118 20.39 -11.78 -7.95
CA ILE B 118 21.17 -10.80 -7.23
C ILE B 118 21.81 -9.82 -8.22
N PHE B 119 21.79 -8.54 -7.84
CA PHE B 119 22.13 -7.44 -8.73
C PHE B 119 23.20 -6.59 -8.08
N PRO B 120 24.37 -6.45 -8.68
CA PRO B 120 25.38 -5.54 -8.17
C PRO B 120 24.93 -4.10 -8.28
N PRO B 121 25.72 -3.15 -7.78
CA PRO B 121 25.47 -1.75 -8.12
C PRO B 121 25.80 -1.49 -9.58
N SER B 122 25.37 -0.34 -10.06
CA SER B 122 25.62 0.06 -11.43
C SER B 122 26.91 0.86 -11.52
N ASP B 123 27.39 1.07 -12.75
CA ASP B 123 28.51 1.99 -12.88
C ASP B 123 28.07 3.41 -12.62
N GLU B 124 26.84 3.76 -13.04
CA GLU B 124 26.30 5.09 -12.79
C GLU B 124 26.31 5.41 -11.29
N GLN B 125 25.86 4.43 -10.48
CA GLN B 125 25.57 4.70 -9.07
C GLN B 125 26.83 4.83 -8.25
N LEU B 126 27.87 4.11 -8.64
CA LEU B 126 29.15 4.23 -7.97
C LEU B 126 29.87 5.52 -8.34
N LYS B 127 29.51 6.12 -9.49
CA LYS B 127 29.95 7.49 -9.75
C LYS B 127 29.25 8.47 -8.81
N SER B 128 28.15 8.04 -8.18
CA SER B 128 27.43 8.80 -7.17
C SER B 128 28.00 8.66 -5.77
N GLY B 129 28.90 7.70 -5.56
CA GLY B 129 29.56 7.53 -4.28
C GLY B 129 28.83 6.70 -3.25
N THR B 130 27.70 6.08 -3.60
CA THR B 130 27.04 5.16 -2.68
C THR B 130 26.63 3.91 -3.44
N ALA B 131 26.72 2.77 -2.78
CA ALA B 131 26.54 1.47 -3.41
C ALA B 131 25.30 0.81 -2.85
N SER B 132 24.47 0.25 -3.73
CA SER B 132 23.30 -0.50 -3.30
C SER B 132 23.31 -1.87 -3.99
N VAL B 133 23.18 -2.92 -3.17
CA VAL B 133 23.11 -4.30 -3.65
C VAL B 133 21.67 -4.74 -3.50
N VAL B 134 21.08 -5.30 -4.55
CA VAL B 134 19.67 -5.67 -4.54
C VAL B 134 19.54 -7.16 -4.85
N CYS B 135 18.75 -7.85 -4.03
CA CYS B 135 18.47 -9.27 -4.18
C CYS B 135 16.97 -9.45 -4.42
N LEU B 136 16.62 -10.40 -5.29
CA LEU B 136 15.25 -10.55 -5.80
C LEU B 136 14.76 -11.99 -5.62
N LEU B 137 13.84 -12.16 -4.67
CA LEU B 137 13.05 -13.38 -4.53
C LEU B 137 11.81 -13.27 -5.40
N ASN B 138 11.57 -14.24 -6.28
CA ASN B 138 10.54 -14.05 -7.30
C ASN B 138 9.56 -15.22 -7.36
N ASN B 139 8.27 -14.90 -7.14
CA ASN B 139 7.10 -15.77 -7.28
C ASN B 139 7.16 -16.99 -6.36
N PHE B 140 7.20 -16.71 -5.07
CA PHE B 140 7.21 -17.76 -4.06
C PHE B 140 5.94 -17.73 -3.24
N TYR B 141 5.77 -18.77 -2.43
CA TYR B 141 4.64 -18.92 -1.52
C TYR B 141 5.02 -19.96 -0.49
N PRO B 142 4.74 -19.74 0.79
CA PRO B 142 4.02 -18.59 1.36
C PRO B 142 4.92 -17.37 1.54
N ARG B 143 4.42 -16.36 2.28
CA ARG B 143 5.11 -15.08 2.38
C ARG B 143 6.45 -15.21 3.10
N GLU B 144 6.54 -16.14 4.04
CA GLU B 144 7.66 -16.20 4.97
C GLU B 144 8.93 -16.55 4.22
N ALA B 145 9.96 -15.72 4.39
CA ALA B 145 11.26 -15.99 3.79
C ALA B 145 12.29 -15.06 4.42
N LYS B 146 13.41 -15.61 4.86
CA LYS B 146 14.46 -14.84 5.51
C LYS B 146 15.58 -14.58 4.53
N VAL B 147 15.96 -13.32 4.38
CA VAL B 147 17.12 -12.96 3.58
C VAL B 147 18.25 -12.54 4.52
N GLN B 148 19.41 -13.14 4.34
CA GLN B 148 20.62 -12.82 5.10
C GLN B 148 21.67 -12.27 4.16
N TRP B 149 22.29 -11.15 4.56
CA TRP B 149 23.37 -10.54 3.82
C TRP B 149 24.70 -10.89 4.46
N LYS B 150 25.50 -11.70 3.77
CA LYS B 150 26.87 -12.01 4.15
C LYS B 150 27.80 -11.30 3.18
N VAL B 151 28.79 -10.59 3.71
CA VAL B 151 29.81 -9.91 2.91
C VAL B 151 31.15 -10.56 3.24
N ASP B 152 31.74 -11.24 2.26
CA ASP B 152 32.93 -12.08 2.49
C ASP B 152 32.66 -13.13 3.58
N ASN B 153 31.47 -13.72 3.55
CA ASN B 153 30.98 -14.68 4.54
C ASN B 153 30.76 -14.07 5.92
N ALA B 154 30.64 -12.74 6.01
CA ALA B 154 30.35 -12.06 7.26
C ALA B 154 28.92 -11.54 7.21
N LEU B 155 28.08 -12.03 8.13
CA LEU B 155 26.68 -11.63 8.17
C LEU B 155 26.56 -10.14 8.45
N GLN B 156 25.64 -9.48 7.74
CA GLN B 156 25.37 -8.07 7.95
C GLN B 156 24.09 -7.92 8.76
N SER B 157 23.87 -6.71 9.28
CA SER B 157 22.69 -6.45 10.10
C SER B 157 22.48 -4.94 10.21
N GLY B 158 21.23 -4.50 10.05
CA GLY B 158 20.88 -3.09 10.11
C GLY B 158 21.08 -2.35 8.81
N ASN B 159 21.99 -2.82 7.96
CA ASN B 159 22.28 -2.19 6.68
C ASN B 159 21.52 -2.82 5.52
N SER B 160 20.29 -3.26 5.75
CA SER B 160 19.48 -3.77 4.65
C SER B 160 18.01 -3.48 4.94
N GLN B 161 17.25 -3.23 3.87
CA GLN B 161 15.81 -3.04 3.95
C GLN B 161 15.12 -3.84 2.84
N GLU B 162 13.93 -4.34 3.16
CA GLU B 162 13.21 -5.29 2.32
C GLU B 162 11.82 -4.73 2.01
N SER B 163 11.23 -5.20 0.90
CA SER B 163 9.81 -4.91 0.68
C SER B 163 9.23 -5.99 -0.23
N VAL B 164 7.96 -6.33 0.03
CA VAL B 164 7.26 -7.45 -0.60
C VAL B 164 6.08 -6.90 -1.40
N THR B 165 5.64 -7.69 -2.38
CA THR B 165 4.46 -7.34 -3.14
C THR B 165 3.21 -7.86 -2.43
N GLU B 166 2.05 -7.51 -2.98
CA GLU B 166 0.78 -8.12 -2.66
C GLU B 166 0.65 -9.43 -3.45
N GLN B 167 -0.28 -10.29 -3.03
CA GLN B 167 -0.48 -11.52 -3.79
C GLN B 167 -0.76 -11.22 -5.24
N ASP B 168 -0.10 -11.96 -6.12
CA ASP B 168 -0.33 -11.75 -7.55
C ASP B 168 -1.76 -12.13 -7.91
N SER B 169 -2.28 -11.48 -8.96
CA SER B 169 -3.61 -11.80 -9.46
C SER B 169 -3.62 -13.11 -10.22
N LYS B 170 -2.62 -13.33 -11.06
CA LYS B 170 -2.58 -14.56 -11.86
C LYS B 170 -2.41 -15.79 -10.96
N ASP B 171 -1.28 -15.86 -10.24
CA ASP B 171 -0.84 -17.11 -9.58
C ASP B 171 -0.66 -16.96 -8.07
N SER B 172 -1.17 -15.91 -7.46
CA SER B 172 -1.20 -15.75 -6.01
C SER B 172 0.16 -15.90 -5.32
N THR B 173 1.27 -15.67 -6.02
CA THR B 173 2.58 -15.76 -5.39
C THR B 173 2.97 -14.42 -4.79
N TYR B 174 4.19 -14.34 -4.27
CA TYR B 174 4.71 -13.07 -3.79
C TYR B 174 5.92 -12.66 -4.62
N SER B 175 6.62 -11.62 -4.14
CA SER B 175 8.00 -11.33 -4.48
C SER B 175 8.54 -10.42 -3.39
N LEU B 176 9.82 -10.59 -3.06
CA LEU B 176 10.48 -9.74 -2.09
C LEU B 176 11.75 -9.15 -2.71
N SER B 177 12.13 -7.93 -2.31
CA SER B 177 13.44 -7.38 -2.69
C SER B 177 14.14 -6.88 -1.44
N SER B 178 15.42 -7.22 -1.34
CA SER B 178 16.29 -6.74 -0.27
C SER B 178 17.37 -5.83 -0.86
N THR B 179 17.67 -4.76 -0.13
CA THR B 179 18.67 -3.79 -0.57
C THR B 179 19.65 -3.54 0.57
N LEU B 180 20.90 -3.94 0.34
CA LEU B 180 22.05 -3.60 1.18
C LEU B 180 22.65 -2.29 0.69
N THR B 181 22.86 -1.35 1.60
CA THR B 181 23.42 -0.05 1.25
C THR B 181 24.75 0.12 1.98
N LEU B 182 25.76 0.56 1.24
CA LEU B 182 27.10 0.71 1.78
C LEU B 182 27.68 2.03 1.30
N SER B 183 28.80 2.39 1.90
CA SER B 183 29.64 3.43 1.34
C SER B 183 30.39 2.88 0.14
N LYS B 184 30.58 3.73 -0.88
CA LYS B 184 31.46 3.38 -1.97
C LYS B 184 32.83 2.96 -1.44
N ALA B 185 33.28 3.59 -0.36
CA ALA B 185 34.49 3.14 0.32
C ALA B 185 34.37 1.68 0.72
N ASP B 186 33.23 1.31 1.31
CA ASP B 186 33.09 -0.03 1.83
C ASP B 186 32.75 -1.05 0.75
N TYR B 187 32.11 -0.64 -0.34
CA TYR B 187 31.84 -1.57 -1.44
C TYR B 187 33.13 -2.10 -2.04
N GLU B 188 34.10 -1.22 -2.24
CA GLU B 188 35.33 -1.61 -2.88
C GLU B 188 36.26 -2.35 -1.93
N LYS B 189 36.14 -2.10 -0.63
CA LYS B 189 36.90 -2.68 0.47
C LYS B 189 36.61 -4.16 0.70
N HIS B 190 35.70 -4.79 -0.06
CA HIS B 190 35.37 -6.19 0.11
C HIS B 190 35.20 -6.84 -1.24
N LYS B 191 35.29 -8.17 -1.27
CA LYS B 191 35.30 -8.89 -2.54
C LYS B 191 34.11 -9.80 -2.78
N VAL B 192 33.49 -10.36 -1.75
CA VAL B 192 32.39 -11.30 -1.95
C VAL B 192 31.13 -10.74 -1.32
N TYR B 193 30.09 -10.64 -2.13
CA TYR B 193 28.75 -10.22 -1.71
C TYR B 193 27.79 -11.37 -1.94
N ALA B 194 27.11 -11.78 -0.88
CA ALA B 194 26.27 -12.97 -0.89
C ALA B 194 24.91 -12.65 -0.33
N CYS B 195 23.89 -13.31 -0.88
CA CYS B 195 22.49 -13.11 -0.52
C CYS B 195 21.88 -14.44 -0.10
N GLU B 196 21.67 -14.64 1.20
CA GLU B 196 21.22 -15.94 1.70
C GLU B 196 19.71 -15.95 1.89
N VAL B 197 19.04 -16.89 1.21
CA VAL B 197 17.58 -17.01 1.21
C VAL B 197 17.20 -18.37 1.78
N THR B 198 16.63 -18.36 2.98
CA THR B 198 16.03 -19.55 3.54
C THR B 198 14.52 -19.46 3.34
N HIS B 199 13.92 -20.53 2.82
CA HIS B 199 12.50 -20.53 2.50
C HIS B 199 11.98 -21.95 2.57
N GLN B 200 10.66 -22.06 2.79
CA GLN B 200 10.04 -23.37 2.97
C GLN B 200 10.18 -24.22 1.72
N GLY B 201 9.96 -23.64 0.55
CA GLY B 201 10.08 -24.34 -0.71
C GLY B 201 11.51 -24.62 -1.13
N LEU B 202 12.49 -24.27 -0.30
CA LEU B 202 13.89 -24.62 -0.52
C LEU B 202 14.29 -25.68 0.49
N SER B 203 14.67 -26.86 0.00
CA SER B 203 15.19 -27.89 0.90
C SER B 203 16.50 -27.47 1.55
N SER B 204 17.16 -26.46 1.00
CA SER B 204 18.45 -25.96 1.48
C SER B 204 18.64 -24.54 0.97
N PRO B 205 19.01 -23.60 1.84
CA PRO B 205 18.95 -22.17 1.49
C PRO B 205 19.70 -21.81 0.21
N VAL B 206 18.94 -21.42 -0.84
CA VAL B 206 19.55 -20.91 -2.05
C VAL B 206 20.30 -19.63 -1.72
N THR B 207 21.51 -19.51 -2.25
CA THR B 207 22.36 -18.33 -2.04
C THR B 207 22.99 -17.95 -3.37
N LYS B 208 22.73 -16.72 -3.82
CA LYS B 208 23.35 -16.19 -5.03
C LYS B 208 24.21 -14.99 -4.67
N SER B 209 25.13 -14.65 -5.56
CA SER B 209 26.25 -13.81 -5.16
C SER B 209 27.10 -13.45 -6.37
N PHE B 210 28.02 -12.51 -6.14
CA PHE B 210 28.91 -11.94 -7.15
C PHE B 210 30.16 -11.42 -6.44
N ASN B 211 31.28 -11.30 -7.18
CA ASN B 211 32.49 -10.81 -6.54
C ASN B 211 32.89 -9.34 -6.74
N ARG B 212 33.40 -8.96 -7.90
CA ARG B 212 33.77 -7.55 -8.00
C ARG B 212 33.23 -6.84 -9.23
N GLY B 213 33.79 -7.19 -10.39
CA GLY B 213 33.36 -6.73 -11.69
C GLY B 213 33.05 -7.90 -12.59
N GLU B 214 33.82 -8.97 -12.40
CA GLU B 214 33.59 -10.30 -12.98
C GLU B 214 33.01 -10.21 -14.38
N CYS B 215 33.63 -9.35 -15.20
CA CYS B 215 33.09 -8.99 -16.51
C CYS B 215 33.04 -10.18 -17.44
#